data_7TC4
#
_entry.id   7TC4
#
_cell.length_a   54.783
_cell.length_b   102.759
_cell.length_c   67.594
_cell.angle_alpha   90.000
_cell.angle_beta   92.591
_cell.angle_gamma   90.000
#
_symmetry.space_group_name_H-M   'P 1 21 1'
#
loop_
_entity.id
_entity.type
_entity.pdbx_description
1 polymer '3C-like proteinase'
2 polymer 'Nonstructural protein 15/16'
3 non-polymer GLYCEROL
4 water water
#
loop_
_entity_poly.entity_id
_entity_poly.type
_entity_poly.pdbx_seq_one_letter_code
_entity_poly.pdbx_strand_id
1 'polypeptide(L)'
;SGFRKMAFPSGKVEGCMVQVTCGTTTLNGLWLDDVVYCPRHVICTSEDMLNPNYEDLLIRKSNHNFLVQAGNVQLRVIGH
SMQNCVLKLKVDTANPKTPKYKFVRIQPGQTFSVLACYNGSPSGVYQCAMRPNFTIKGSFLNGSAGSVGFNIDYDCVSFC
YMHHMELPTGVHAGTDLEGNFYGPFVDRQTAQAAGTDTTITVNVLAWLYAAVINGDRWFLNRFTTTLNDFNLVAMKYNYE
PLTQDHVDILGPLSAQTGIAVLDMCASLKELLQNGMNGRTILGSALLEDEFTPFDVVRQCSGVTFQ
;
A,B
2 'polypeptide(L)' FYPKLQSSQ C,D
#
# COMPACT_ATOMS: atom_id res chain seq x y z
N SER A 1 12.74 7.02 9.73
CA SER A 1 11.50 7.25 10.48
C SER A 1 10.26 7.27 9.59
N GLY A 2 9.10 7.34 10.25
CA GLY A 2 7.83 7.24 9.59
C GLY A 2 7.29 5.82 9.65
N PHE A 3 6.01 5.67 9.38
CA PHE A 3 5.41 4.35 9.43
C PHE A 3 4.20 4.33 8.52
N ARG A 4 4.18 3.38 7.58
CA ARG A 4 3.14 3.36 6.56
C ARG A 4 2.54 1.97 6.42
N LYS A 5 1.29 1.94 5.95
CA LYS A 5 0.72 0.63 5.64
C LYS A 5 1.41 0.14 4.38
N MET A 6 2.45 -0.66 4.54
CA MET A 6 3.32 -1.02 3.42
C MET A 6 3.01 -2.43 2.91
N ALA A 7 2.82 -2.55 1.60
CA ALA A 7 2.59 -3.83 0.96
C ALA A 7 3.90 -4.41 0.44
N PHE A 8 3.86 -5.71 0.16
CA PHE A 8 5.00 -6.35 -0.47
C PHE A 8 5.11 -5.85 -1.92
N PRO A 9 6.33 -5.80 -2.46
CA PRO A 9 6.50 -5.56 -3.90
C PRO A 9 5.72 -6.61 -4.66
N SER A 10 5.02 -6.18 -5.70
CA SER A 10 4.04 -7.04 -6.36
C SER A 10 4.56 -7.75 -7.60
N GLY A 11 5.79 -7.48 -8.03
CA GLY A 11 6.24 -7.91 -9.35
C GLY A 11 6.08 -9.40 -9.61
N LYS A 12 6.48 -10.23 -8.64
CA LYS A 12 6.43 -11.68 -8.87
C LYS A 12 5.01 -12.21 -9.07
N VAL A 13 4.03 -11.59 -8.42
CA VAL A 13 2.63 -12.01 -8.53
C VAL A 13 1.99 -11.44 -9.79
N GLU A 14 2.39 -10.23 -10.18
CA GLU A 14 1.95 -9.65 -11.44
C GLU A 14 2.16 -10.60 -12.60
N GLY A 15 3.32 -11.29 -12.62
CA GLY A 15 3.67 -12.20 -13.70
C GLY A 15 2.90 -13.52 -13.71
N CYS A 16 2.01 -13.76 -12.74
CA CYS A 16 1.18 -14.95 -12.66
C CYS A 16 -0.30 -14.69 -12.95
N MET A 17 -0.70 -13.45 -13.17
CA MET A 17 -2.11 -13.06 -13.26
C MET A 17 -2.60 -13.27 -14.69
N VAL A 18 -3.69 -14.02 -14.84
CA VAL A 18 -4.30 -14.22 -16.15
C VAL A 18 -5.79 -13.95 -16.04
N GLN A 19 -6.45 -13.97 -17.19
CA GLN A 19 -7.88 -13.80 -17.30
C GLN A 19 -8.52 -15.14 -17.62
N VAL A 20 -9.65 -15.43 -16.98
CA VAL A 20 -10.41 -16.67 -17.20
C VAL A 20 -11.85 -16.31 -17.52
N THR A 21 -12.35 -16.78 -18.66
CA THR A 21 -13.71 -16.55 -19.11
C THR A 21 -14.39 -17.88 -19.39
N CYS A 22 -15.57 -18.07 -18.83
CA CYS A 22 -16.44 -19.18 -19.18
C CYS A 22 -17.77 -18.56 -19.54
N GLY A 23 -18.19 -18.73 -20.78
CA GLY A 23 -19.45 -18.11 -21.19
C GLY A 23 -19.32 -16.60 -21.21
N THR A 24 -20.27 -15.90 -20.58
CA THR A 24 -20.14 -14.46 -20.41
C THR A 24 -19.57 -14.07 -19.04
N THR A 25 -19.01 -15.01 -18.29
CA THR A 25 -18.51 -14.72 -16.95
C THR A 25 -16.99 -14.68 -16.99
N THR A 26 -16.40 -13.59 -16.48
CA THR A 26 -14.96 -13.42 -16.49
C THR A 26 -14.46 -13.08 -15.09
N LEU A 27 -13.26 -13.57 -14.78
CA LEU A 27 -12.55 -13.18 -13.58
C LEU A 27 -11.08 -13.50 -13.80
N ASN A 28 -10.30 -13.40 -12.74
CA ASN A 28 -8.87 -13.58 -12.79
C ASN A 28 -8.50 -15.00 -12.38
N GLY A 29 -7.39 -15.46 -12.93
CA GLY A 29 -6.77 -16.70 -12.51
C GLY A 29 -5.31 -16.48 -12.19
N LEU A 30 -4.76 -17.45 -11.46
CA LEU A 30 -3.36 -17.47 -11.05
C LEU A 30 -2.67 -18.62 -11.78
N TRP A 31 -1.66 -18.27 -12.58
CA TRP A 31 -0.95 -19.20 -13.46
C TRP A 31 0.41 -19.53 -12.86
N LEU A 32 0.54 -20.72 -12.28
CA LEU A 32 1.80 -21.22 -11.72
C LEU A 32 2.13 -22.54 -12.40
N ASP A 33 3.35 -22.64 -12.94
CA ASP A 33 3.74 -23.81 -13.74
C ASP A 33 2.68 -23.95 -14.83
N ASP A 34 2.12 -25.16 -15.06
CA ASP A 34 1.15 -25.39 -16.13
C ASP A 34 -0.28 -25.52 -15.60
N VAL A 35 -0.62 -24.81 -14.53
CA VAL A 35 -1.96 -24.83 -13.95
C VAL A 35 -2.42 -23.40 -13.70
N VAL A 36 -3.68 -23.11 -14.05
CA VAL A 36 -4.34 -21.87 -13.72
C VAL A 36 -5.38 -22.13 -12.64
N TYR A 37 -5.23 -21.47 -11.49
CA TYR A 37 -6.17 -21.58 -10.36
C TYR A 37 -7.17 -20.44 -10.44
N CYS A 38 -8.46 -20.76 -10.29
CA CYS A 38 -9.44 -19.67 -10.31
C CYS A 38 -10.66 -20.07 -9.51
N PRO A 39 -11.47 -19.10 -9.07
CA PRO A 39 -12.70 -19.43 -8.34
C PRO A 39 -13.66 -20.21 -9.22
N ARG A 40 -14.34 -21.17 -8.61
CA ARG A 40 -15.19 -22.05 -9.40
C ARG A 40 -16.46 -21.36 -9.90
N HIS A 41 -16.87 -20.24 -9.31
CA HIS A 41 -18.10 -19.62 -9.77
C HIS A 41 -17.96 -18.92 -11.11
N VAL A 42 -16.78 -18.99 -11.75
CA VAL A 42 -16.67 -18.61 -13.16
C VAL A 42 -17.56 -19.46 -14.04
N ILE A 43 -17.93 -20.67 -13.58
CA ILE A 43 -18.80 -21.52 -14.41
C ILE A 43 -20.27 -21.20 -14.20
N CYS A 44 -20.59 -20.20 -13.37
CA CYS A 44 -21.96 -19.82 -13.11
C CYS A 44 -22.46 -18.83 -14.14
N THR A 45 -23.72 -19.01 -14.54
CA THR A 45 -24.45 -17.94 -15.20
C THR A 45 -25.18 -17.07 -14.18
N SER A 46 -25.70 -15.94 -14.66
CA SER A 46 -26.57 -15.08 -13.85
C SER A 46 -27.73 -15.84 -13.23
N GLU A 47 -28.09 -17.00 -13.77
CA GLU A 47 -29.14 -17.82 -13.21
C GLU A 47 -28.65 -18.83 -12.18
N ASP A 48 -27.34 -18.93 -11.97
CA ASP A 48 -26.77 -19.94 -11.09
C ASP A 48 -26.19 -19.36 -9.81
N MET A 49 -26.68 -18.19 -9.38
CA MET A 49 -26.03 -17.41 -8.34
C MET A 49 -26.53 -17.74 -6.94
N LEU A 50 -27.73 -18.30 -6.82
CA LEU A 50 -28.38 -18.53 -5.56
C LEU A 50 -28.07 -19.91 -4.99
N ASN A 51 -28.29 -20.97 -5.76
CA ASN A 51 -28.05 -22.34 -5.29
C ASN A 51 -27.38 -23.19 -6.36
N PRO A 52 -26.18 -22.83 -6.78
CA PRO A 52 -25.47 -23.63 -7.79
C PRO A 52 -25.08 -25.02 -7.29
N ASN A 53 -25.33 -26.05 -8.11
CA ASN A 53 -24.64 -27.33 -7.92
C ASN A 53 -23.42 -27.29 -8.85
N TYR A 54 -22.26 -27.04 -8.26
CA TYR A 54 -21.07 -26.85 -9.06
C TYR A 54 -20.63 -28.13 -9.74
N GLU A 55 -20.77 -29.28 -9.06
CA GLU A 55 -20.45 -30.55 -9.73
C GLU A 55 -21.26 -30.71 -11.01
N ASP A 56 -22.55 -30.37 -10.94
CA ASP A 56 -23.42 -30.47 -12.10
C ASP A 56 -23.05 -29.45 -13.16
N LEU A 57 -22.78 -28.19 -12.74
CA LEU A 57 -22.39 -27.16 -13.68
C LEU A 57 -21.09 -27.51 -14.40
N LEU A 58 -20.17 -28.18 -13.69
CA LEU A 58 -18.84 -28.47 -14.22
C LEU A 58 -18.86 -29.62 -15.21
N ILE A 59 -19.67 -30.65 -14.94
CA ILE A 59 -19.68 -31.81 -15.83
C ILE A 59 -20.19 -31.46 -17.23
N ARG A 60 -20.94 -30.37 -17.34
CA ARG A 60 -21.46 -29.90 -18.61
C ARG A 60 -20.45 -29.07 -19.41
N LYS A 61 -19.25 -28.84 -18.88
CA LYS A 61 -18.23 -28.06 -19.54
C LYS A 61 -17.11 -28.95 -20.05
N SER A 62 -16.51 -28.54 -21.17
CA SER A 62 -15.33 -29.19 -21.73
C SER A 62 -14.13 -28.25 -21.58
N ASN A 63 -12.94 -28.77 -21.86
CA ASN A 63 -11.73 -27.95 -21.83
C ASN A 63 -11.89 -26.65 -22.62
N HIS A 64 -12.42 -26.74 -23.85
CA HIS A 64 -12.49 -25.53 -24.67
C HIS A 64 -13.57 -24.55 -24.24
N ASN A 65 -14.40 -24.86 -23.26
CA ASN A 65 -15.30 -23.82 -22.76
C ASN A 65 -14.60 -22.85 -21.81
N PHE A 66 -13.34 -23.09 -21.44
CA PHE A 66 -12.55 -22.20 -20.59
C PHE A 66 -11.57 -21.44 -21.46
N LEU A 67 -11.79 -20.13 -21.59
CA LEU A 67 -10.93 -19.25 -22.36
C LEU A 67 -9.96 -18.59 -21.38
N VAL A 68 -8.68 -18.91 -21.49
CA VAL A 68 -7.66 -18.36 -20.61
C VAL A 68 -6.76 -17.46 -21.45
N GLN A 69 -6.61 -16.22 -21.02
CA GLN A 69 -5.75 -15.26 -21.71
C GLN A 69 -4.66 -14.76 -20.77
N ALA A 70 -3.42 -14.85 -21.23
CA ALA A 70 -2.26 -14.29 -20.54
C ALA A 70 -1.78 -13.16 -21.42
N GLY A 71 -2.09 -11.93 -21.01
CA GLY A 71 -1.85 -10.81 -21.89
C GLY A 71 -2.58 -11.00 -23.20
N ASN A 72 -1.84 -10.88 -24.30
CA ASN A 72 -2.41 -11.04 -25.63
C ASN A 72 -2.31 -12.48 -26.15
N VAL A 73 -2.04 -13.44 -25.27
CA VAL A 73 -1.87 -14.84 -25.64
C VAL A 73 -2.98 -15.65 -25.01
N GLN A 74 -3.66 -16.45 -25.82
CA GLN A 74 -4.63 -17.43 -25.32
C GLN A 74 -3.91 -18.72 -24.94
N LEU A 75 -4.17 -19.21 -23.74
CA LEU A 75 -3.62 -20.48 -23.28
C LEU A 75 -4.59 -21.62 -23.54
N ARG A 76 -4.06 -22.72 -24.06
CA ARG A 76 -4.87 -23.89 -24.38
C ARG A 76 -5.09 -24.74 -23.13
N VAL A 77 -6.35 -24.85 -22.71
CA VAL A 77 -6.70 -25.67 -21.56
C VAL A 77 -6.79 -27.14 -22.01
N ILE A 78 -6.02 -28.01 -21.36
CA ILE A 78 -6.01 -29.43 -21.69
C ILE A 78 -6.59 -30.29 -20.58
N GLY A 79 -7.10 -29.68 -19.52
CA GLY A 79 -7.66 -30.43 -18.43
C GLY A 79 -8.25 -29.51 -17.37
N HIS A 80 -9.24 -29.99 -16.64
CA HIS A 80 -9.86 -29.20 -15.59
C HIS A 80 -10.33 -30.11 -14.48
N SER A 81 -10.29 -29.58 -13.25
CA SER A 81 -10.89 -30.28 -12.13
C SER A 81 -11.24 -29.28 -11.05
N MET A 82 -12.09 -29.72 -10.12
CA MET A 82 -12.55 -28.92 -8.99
C MET A 82 -11.92 -29.42 -7.72
N GLN A 83 -11.39 -28.50 -6.92
CA GLN A 83 -10.86 -28.82 -5.59
C GLN A 83 -11.48 -27.81 -4.66
N ASN A 84 -12.45 -28.28 -3.86
CA ASN A 84 -13.24 -27.39 -3.01
C ASN A 84 -13.82 -26.26 -3.85
N CYS A 85 -13.54 -24.98 -3.55
CA CYS A 85 -14.19 -23.88 -4.26
C CYS A 85 -13.30 -23.25 -5.32
N VAL A 86 -12.21 -23.89 -5.72
CA VAL A 86 -11.40 -23.42 -6.84
C VAL A 86 -11.41 -24.48 -7.94
N LEU A 87 -11.22 -24.01 -9.17
CA LEU A 87 -10.94 -24.81 -10.35
C LEU A 87 -9.46 -24.82 -10.64
N LYS A 88 -8.95 -25.96 -11.09
CA LYS A 88 -7.60 -26.06 -11.58
C LYS A 88 -7.67 -26.35 -13.07
N LEU A 89 -7.23 -25.40 -13.91
CA LEU A 89 -7.19 -25.57 -15.36
C LEU A 89 -5.78 -25.93 -15.76
N LYS A 90 -5.58 -27.17 -16.19
CA LYS A 90 -4.28 -27.54 -16.75
C LYS A 90 -4.17 -26.93 -18.14
N VAL A 91 -3.01 -26.33 -18.42
CA VAL A 91 -2.78 -25.68 -19.71
C VAL A 91 -1.54 -26.32 -20.33
N ASP A 92 -1.34 -26.08 -21.62
CA ASP A 92 -0.29 -26.80 -22.33
C ASP A 92 1.08 -26.12 -22.25
N THR A 93 1.21 -25.02 -21.49
CA THR A 93 2.48 -24.31 -21.31
C THR A 93 2.68 -23.94 -19.84
N ALA A 94 3.88 -24.16 -19.35
CA ALA A 94 4.23 -23.72 -18.00
C ALA A 94 4.55 -22.23 -18.03
N ASN A 95 4.11 -21.52 -16.99
CA ASN A 95 4.33 -20.08 -16.94
C ASN A 95 5.82 -19.79 -16.79
N PRO A 96 6.46 -19.17 -17.79
CA PRO A 96 7.92 -18.94 -17.66
C PRO A 96 8.27 -18.01 -16.53
N LYS A 97 7.30 -17.27 -16.02
CA LYS A 97 7.50 -16.31 -14.95
C LYS A 97 7.14 -16.86 -13.57
N THR A 98 6.90 -18.17 -13.45
CA THR A 98 6.51 -18.75 -12.17
C THR A 98 7.60 -18.50 -11.12
N PRO A 99 7.29 -17.87 -9.99
CA PRO A 99 8.29 -17.70 -8.95
C PRO A 99 8.36 -18.94 -8.09
N LYS A 100 9.34 -18.95 -7.21
CA LYS A 100 9.31 -19.88 -6.09
C LYS A 100 8.08 -19.59 -5.24
N TYR A 101 7.23 -20.58 -5.02
CA TYR A 101 5.98 -20.28 -4.33
C TYR A 101 5.58 -21.44 -3.43
N LYS A 102 4.69 -21.12 -2.48
CA LYS A 102 4.02 -22.08 -1.63
C LYS A 102 2.56 -21.68 -1.45
N PHE A 103 1.73 -22.64 -1.04
CA PHE A 103 0.34 -22.40 -0.68
C PHE A 103 0.20 -22.52 0.83
N VAL A 104 -0.30 -21.48 1.49
CA VAL A 104 -0.39 -21.51 2.95
C VAL A 104 -1.77 -21.06 3.39
N ARG A 105 -2.21 -21.55 4.53
CA ARG A 105 -3.46 -21.11 5.13
C ARG A 105 -3.11 -20.31 6.38
N ILE A 106 -3.54 -19.06 6.45
CA ILE A 106 -3.11 -18.18 7.53
C ILE A 106 -4.17 -18.18 8.63
N GLN A 107 -3.82 -17.63 9.77
CA GLN A 107 -4.71 -17.51 10.90
C GLN A 107 -5.26 -16.11 10.99
N PRO A 108 -6.43 -15.94 11.60
CA PRO A 108 -6.93 -14.57 11.82
C PRO A 108 -5.90 -13.76 12.57
N GLY A 109 -5.75 -12.51 12.16
CA GLY A 109 -4.75 -11.63 12.70
C GLY A 109 -3.53 -11.49 11.81
N GLN A 110 -3.21 -12.49 11.00
CA GLN A 110 -2.07 -12.32 10.14
C GLN A 110 -2.40 -11.43 8.96
N THR A 111 -1.37 -10.77 8.45
CA THR A 111 -1.50 -9.79 7.38
C THR A 111 -1.00 -10.36 6.06
N PHE A 112 -1.41 -9.73 4.97
CA PHE A 112 -0.91 -10.09 3.65
C PHE A 112 -1.13 -8.92 2.70
N SER A 113 -0.48 -8.99 1.56
CA SER A 113 -0.69 -8.00 0.51
C SER A 113 -1.68 -8.58 -0.49
N VAL A 114 -2.57 -7.74 -1.00
CA VAL A 114 -3.54 -8.08 -2.05
C VAL A 114 -3.09 -7.38 -3.33
N LEU A 115 -2.97 -8.14 -4.41
CA LEU A 115 -2.83 -7.53 -5.75
C LEU A 115 -4.20 -7.57 -6.42
N ALA A 116 -4.87 -6.42 -6.44
CA ALA A 116 -6.22 -6.30 -6.98
C ALA A 116 -6.16 -6.26 -8.50
N CYS A 117 -6.88 -7.17 -9.17
CA CYS A 117 -6.85 -7.29 -10.62
C CYS A 117 -8.25 -7.33 -11.21
N TYR A 118 -8.32 -6.94 -12.49
CA TYR A 118 -9.49 -7.04 -13.34
C TYR A 118 -9.02 -7.49 -14.72
N ASN A 119 -9.71 -8.48 -15.28
CA ASN A 119 -9.39 -8.98 -16.61
C ASN A 119 -7.94 -9.44 -16.69
N GLY A 120 -7.45 -10.05 -15.62
CA GLY A 120 -6.09 -10.51 -15.59
C GLY A 120 -5.03 -9.43 -15.48
N SER A 121 -5.42 -8.17 -15.34
CA SER A 121 -4.49 -7.05 -15.27
C SER A 121 -4.51 -6.39 -13.89
N PRO A 122 -3.33 -6.01 -13.38
CA PRO A 122 -3.23 -5.44 -12.03
C PRO A 122 -3.78 -4.03 -11.97
N SER A 123 -4.61 -3.77 -10.97
CA SER A 123 -5.09 -2.42 -10.68
C SER A 123 -4.31 -1.77 -9.54
N GLY A 124 -3.90 -2.52 -8.53
CA GLY A 124 -3.22 -1.91 -7.39
C GLY A 124 -2.92 -2.94 -6.32
N VAL A 125 -2.08 -2.53 -5.39
CA VAL A 125 -1.60 -3.41 -4.33
C VAL A 125 -1.87 -2.72 -3.00
N TYR A 126 -2.38 -3.47 -2.03
CA TYR A 126 -2.62 -2.92 -0.71
C TYR A 126 -2.44 -3.99 0.35
N GLN A 127 -2.28 -3.56 1.59
CA GLN A 127 -2.02 -4.44 2.71
C GLN A 127 -3.31 -4.69 3.47
N CYS A 128 -3.51 -5.95 3.89
CA CYS A 128 -4.75 -6.48 4.45
C CYS A 128 -4.42 -7.29 5.69
N ALA A 129 -5.43 -7.58 6.50
CA ALA A 129 -5.36 -8.57 7.58
C ALA A 129 -6.56 -9.50 7.50
N MET A 130 -6.34 -10.78 7.78
CA MET A 130 -7.44 -11.75 7.98
C MET A 130 -8.12 -11.36 9.30
N ARG A 131 -9.35 -10.83 9.26
CA ARG A 131 -10.02 -10.39 10.49
C ARG A 131 -10.33 -11.57 11.41
N PRO A 132 -10.46 -11.32 12.73
CA PRO A 132 -10.89 -12.40 13.63
C PRO A 132 -12.16 -13.10 13.19
N ASN A 133 -13.07 -12.41 12.50
CA ASN A 133 -14.28 -13.03 11.98
C ASN A 133 -14.11 -13.61 10.58
N PHE A 134 -12.88 -13.77 10.10
CA PHE A 134 -12.55 -14.44 8.84
C PHE A 134 -13.03 -13.71 7.61
N THR A 135 -13.27 -12.42 7.71
CA THR A 135 -13.44 -11.57 6.54
C THR A 135 -12.18 -10.74 6.34
N ILE A 136 -12.04 -10.16 5.18
CA ILE A 136 -10.97 -9.18 4.95
C ILE A 136 -11.65 -7.88 4.58
N LYS A 137 -11.08 -6.76 5.04
CA LYS A 137 -11.62 -5.45 4.70
C LYS A 137 -10.85 -4.97 3.48
N GLY A 138 -11.22 -5.52 2.32
CA GLY A 138 -10.51 -5.23 1.10
C GLY A 138 -11.15 -4.11 0.30
N SER A 139 -10.63 -3.94 -0.91
CA SER A 139 -11.19 -3.01 -1.89
C SER A 139 -11.32 -3.78 -3.20
N PHE A 140 -12.54 -4.21 -3.52
CA PHE A 140 -12.79 -5.17 -4.60
C PHE A 140 -14.10 -4.81 -5.31
N LEU A 141 -14.10 -4.90 -6.64
CA LEU A 141 -15.28 -4.62 -7.45
C LEU A 141 -15.67 -5.87 -8.23
N ASN A 142 -16.79 -5.80 -8.95
CA ASN A 142 -17.15 -6.88 -9.86
C ASN A 142 -16.01 -7.15 -10.84
N GLY A 143 -15.65 -8.43 -10.98
CA GLY A 143 -14.51 -8.83 -11.77
C GLY A 143 -13.22 -9.08 -11.00
N SER A 144 -13.17 -8.68 -9.72
CA SER A 144 -11.96 -8.87 -8.93
C SER A 144 -11.77 -10.28 -8.41
N ALA A 145 -12.76 -11.16 -8.49
CA ALA A 145 -12.56 -12.52 -7.99
C ALA A 145 -11.36 -13.15 -8.69
N GLY A 146 -10.63 -13.99 -7.96
CA GLY A 146 -9.39 -14.55 -8.47
C GLY A 146 -8.14 -13.74 -8.20
N SER A 147 -8.27 -12.46 -7.82
CA SER A 147 -7.16 -11.72 -7.19
C SER A 147 -6.66 -12.47 -5.96
N VAL A 148 -5.35 -12.37 -5.67
CA VAL A 148 -4.80 -13.18 -4.60
C VAL A 148 -4.13 -12.29 -3.56
N GLY A 149 -4.01 -12.83 -2.34
CA GLY A 149 -3.22 -12.24 -1.27
C GLY A 149 -2.02 -13.13 -1.01
N PHE A 150 -0.95 -12.51 -0.50
CA PHE A 150 0.33 -13.20 -0.45
C PHE A 150 1.25 -12.53 0.56
N ASN A 151 2.29 -13.27 0.96
CA ASN A 151 3.46 -12.76 1.64
C ASN A 151 4.68 -13.19 0.84
N ILE A 152 5.81 -12.49 1.04
CA ILE A 152 7.09 -12.84 0.41
C ILE A 152 8.10 -13.23 1.48
N ASP A 153 8.91 -14.24 1.18
CA ASP A 153 10.03 -14.64 2.04
C ASP A 153 11.27 -14.60 1.16
N TYR A 154 12.02 -13.50 1.26
CA TYR A 154 13.06 -13.12 0.31
C TYR A 154 12.64 -13.36 -1.14
N ASP A 155 12.76 -14.59 -1.63
CA ASP A 155 12.43 -14.85 -3.02
C ASP A 155 11.25 -15.79 -3.20
N CYS A 156 10.62 -16.27 -2.12
CA CYS A 156 9.52 -17.22 -2.20
C CYS A 156 8.18 -16.53 -1.89
N VAL A 157 7.23 -16.63 -2.81
CA VAL A 157 5.89 -16.07 -2.61
C VAL A 157 5.00 -17.11 -1.94
N SER A 158 4.43 -16.77 -0.78
CA SER A 158 3.44 -17.60 -0.12
C SER A 158 2.06 -17.04 -0.44
N PHE A 159 1.30 -17.75 -1.28
CA PHE A 159 -0.07 -17.36 -1.57
C PHE A 159 -0.96 -17.85 -0.45
N CYS A 160 -1.70 -16.94 0.18
CA CYS A 160 -2.59 -17.32 1.25
C CYS A 160 -4.07 -17.06 0.98
N TYR A 161 -4.42 -16.25 -0.03
CA TYR A 161 -5.81 -15.83 -0.22
C TYR A 161 -6.16 -15.76 -1.70
N MET A 162 -7.34 -16.26 -2.05
CA MET A 162 -7.99 -16.02 -3.34
C MET A 162 -9.34 -15.38 -3.14
N HIS A 163 -9.56 -14.24 -3.81
CA HIS A 163 -10.77 -13.49 -3.58
C HIS A 163 -11.97 -14.11 -4.28
N HIS A 164 -13.13 -14.19 -3.57
CA HIS A 164 -14.33 -14.77 -4.18
C HIS A 164 -15.51 -13.83 -4.18
N MET A 165 -15.79 -13.14 -3.06
CA MET A 165 -17.09 -12.51 -2.92
C MET A 165 -17.10 -11.37 -1.89
N GLU A 166 -18.14 -10.55 -1.98
CA GLU A 166 -18.34 -9.43 -1.07
C GLU A 166 -19.61 -9.67 -0.26
N LEU A 167 -19.53 -9.45 1.05
CA LEU A 167 -20.65 -9.58 1.97
C LEU A 167 -21.38 -8.26 2.10
N PRO A 168 -22.60 -8.25 2.65
CA PRO A 168 -23.42 -7.04 2.57
C PRO A 168 -22.89 -5.86 3.36
N THR A 169 -22.06 -6.06 4.38
CA THR A 169 -21.41 -4.91 5.00
C THR A 169 -20.24 -4.37 4.17
N GLY A 170 -20.00 -4.91 2.98
CA GLY A 170 -18.92 -4.42 2.17
C GLY A 170 -17.54 -4.95 2.53
N VAL A 171 -17.47 -6.01 3.32
CA VAL A 171 -16.24 -6.73 3.55
C VAL A 171 -16.21 -7.93 2.61
N HIS A 172 -15.08 -8.64 2.59
CA HIS A 172 -14.87 -9.69 1.61
C HIS A 172 -14.52 -11.04 2.21
N ALA A 173 -14.82 -12.09 1.44
CA ALA A 173 -14.57 -13.47 1.81
C ALA A 173 -13.93 -14.20 0.65
N GLY A 174 -13.08 -15.15 0.98
CA GLY A 174 -12.38 -15.92 -0.03
C GLY A 174 -11.82 -17.17 0.57
N THR A 175 -10.94 -17.80 -0.18
CA THR A 175 -10.42 -19.14 0.14
C THR A 175 -8.91 -19.11 0.24
N ASP A 176 -8.35 -20.19 0.79
CA ASP A 176 -6.96 -20.45 0.53
C ASP A 176 -6.84 -21.00 -0.91
N LEU A 177 -5.61 -21.28 -1.33
CA LEU A 177 -5.37 -21.75 -2.69
C LEU A 177 -5.67 -23.23 -2.85
N GLU A 178 -6.17 -23.88 -1.81
CA GLU A 178 -6.82 -25.17 -1.93
C GLU A 178 -8.33 -25.03 -2.03
N GLY A 179 -8.85 -23.81 -2.15
CA GLY A 179 -10.27 -23.64 -2.33
C GLY A 179 -11.12 -23.79 -1.08
N ASN A 180 -10.50 -23.81 0.11
CA ASN A 180 -11.26 -23.84 1.36
C ASN A 180 -11.47 -22.43 1.86
N PHE A 181 -12.74 -22.05 2.02
CA PHE A 181 -13.07 -20.73 2.49
C PHE A 181 -12.49 -20.48 3.88
N TYR A 182 -12.04 -19.24 4.09
CA TYR A 182 -11.85 -18.72 5.44
C TYR A 182 -13.23 -18.38 6.02
N GLY A 183 -13.51 -18.89 7.21
CA GLY A 183 -14.78 -18.63 7.85
C GLY A 183 -15.90 -19.52 7.33
N PRO A 184 -17.13 -19.27 7.80
CA PRO A 184 -18.25 -20.15 7.46
C PRO A 184 -19.02 -19.67 6.24
N PHE A 185 -18.32 -19.04 5.31
CA PHE A 185 -19.00 -18.50 4.14
C PHE A 185 -18.97 -19.50 2.99
N VAL A 186 -19.92 -19.34 2.07
CA VAL A 186 -20.08 -20.22 0.92
C VAL A 186 -20.25 -19.38 -0.34
N ASP A 187 -19.87 -19.96 -1.49
CA ASP A 187 -19.92 -19.22 -2.76
C ASP A 187 -21.27 -19.41 -3.44
N ARG A 188 -22.28 -18.87 -2.78
CA ARG A 188 -23.61 -18.61 -3.34
C ARG A 188 -24.08 -17.26 -2.80
N GLN A 189 -25.08 -16.70 -3.49
CA GLN A 189 -25.57 -15.36 -3.15
C GLN A 189 -26.81 -15.40 -2.27
N THR A 190 -27.05 -16.50 -1.56
CA THR A 190 -28.06 -16.47 -0.50
C THR A 190 -27.51 -15.68 0.68
N ALA A 191 -28.40 -15.42 1.64
CA ALA A 191 -28.08 -14.47 2.71
C ALA A 191 -26.92 -14.97 3.56
N GLN A 192 -25.95 -14.08 3.79
CA GLN A 192 -24.80 -14.42 4.61
C GLN A 192 -24.38 -13.14 5.30
N ALA A 193 -23.91 -13.26 6.54
CA ALA A 193 -23.50 -12.12 7.36
C ALA A 193 -22.20 -12.44 8.10
N ALA A 194 -21.26 -11.50 8.06
CA ALA A 194 -20.10 -11.60 8.93
C ALA A 194 -20.54 -11.49 10.38
N GLY A 195 -19.98 -12.34 11.23
CA GLY A 195 -20.18 -12.16 12.66
C GLY A 195 -19.55 -10.89 13.16
N THR A 196 -19.85 -10.56 14.42
CA THR A 196 -19.22 -9.39 15.04
C THR A 196 -17.71 -9.52 15.00
N ASP A 197 -17.05 -8.46 14.55
CA ASP A 197 -15.61 -8.49 14.49
C ASP A 197 -15.03 -7.95 15.78
N THR A 198 -13.77 -8.31 16.02
CA THR A 198 -13.04 -7.88 17.20
C THR A 198 -11.73 -7.26 16.75
N THR A 199 -11.08 -6.54 17.65
CA THR A 199 -9.78 -5.94 17.37
C THR A 199 -8.65 -6.93 17.63
N ILE A 200 -7.67 -6.95 16.74
CA ILE A 200 -6.49 -7.84 16.87
C ILE A 200 -5.51 -7.23 17.86
N THR A 201 -5.59 -7.67 19.12
CA THR A 201 -4.87 -7.04 20.22
C THR A 201 -3.36 -7.13 20.06
N VAL A 202 -2.85 -8.34 19.79
CA VAL A 202 -1.41 -8.47 19.64
C VAL A 202 -0.88 -7.48 18.61
N ASN A 203 -1.69 -7.17 17.58
CA ASN A 203 -1.22 -6.24 16.56
C ASN A 203 -1.25 -4.78 17.06
N VAL A 204 -2.31 -4.39 17.78
CA VAL A 204 -2.31 -3.05 18.37
C VAL A 204 -1.06 -2.86 19.21
N LEU A 205 -0.71 -3.87 20.02
CA LEU A 205 0.47 -3.74 20.86
C LEU A 205 1.74 -3.61 20.03
N ALA A 206 1.88 -4.43 18.97
CA ALA A 206 3.04 -4.30 18.09
C ALA A 206 3.13 -2.89 17.53
N TRP A 207 2.00 -2.34 17.10
CA TRP A 207 1.96 -0.99 16.56
C TRP A 207 2.36 0.05 17.61
N LEU A 208 1.90 -0.12 18.85
CA LEU A 208 2.37 0.75 19.93
C LEU A 208 3.89 0.67 20.09
N TYR A 209 4.46 -0.53 19.97
CA TYR A 209 5.92 -0.66 20.00
C TYR A 209 6.56 0.09 18.82
N ALA A 210 5.96 0.00 17.63
CA ALA A 210 6.48 0.77 16.50
C ALA A 210 6.49 2.27 16.81
N ALA A 211 5.44 2.76 17.49
CA ALA A 211 5.41 4.15 17.91
C ALA A 211 6.58 4.50 18.82
N VAL A 212 6.90 3.61 19.76
CA VAL A 212 8.02 3.89 20.65
C VAL A 212 9.31 3.91 19.86
N ILE A 213 9.50 2.94 18.97
CA ILE A 213 10.72 2.89 18.16
C ILE A 213 10.88 4.17 17.34
N ASN A 214 9.79 4.76 16.89
CA ASN A 214 9.80 6.03 16.18
C ASN A 214 9.84 7.26 17.06
N GLY A 215 10.02 7.10 18.36
CA GLY A 215 10.36 8.22 19.22
C GLY A 215 9.24 8.75 20.11
N ASP A 216 8.08 8.09 20.14
CA ASP A 216 6.89 8.58 20.83
C ASP A 216 6.61 7.70 22.04
N ARG A 217 6.48 8.32 23.21
CA ARG A 217 6.27 7.63 24.47
C ARG A 217 5.13 8.24 25.25
N TRP A 218 4.48 9.29 24.72
CA TRP A 218 3.50 10.04 25.50
C TRP A 218 2.41 9.16 26.07
N PHE A 219 2.12 8.01 25.46
CA PHE A 219 0.96 7.22 25.86
C PHE A 219 1.27 6.20 26.95
N LEU A 220 2.53 6.02 27.32
CA LEU A 220 2.86 5.06 28.36
C LEU A 220 2.39 5.58 29.73
N ASN A 221 2.36 4.69 30.72
CA ASN A 221 2.05 5.11 32.08
C ASN A 221 2.87 4.28 33.03
N ARG A 222 2.72 4.55 34.33
CA ARG A 222 3.58 3.95 35.33
C ARG A 222 3.06 2.59 35.83
N PHE A 223 1.95 2.10 35.28
CA PHE A 223 1.31 0.89 35.79
C PHE A 223 1.81 -0.38 35.09
N THR A 224 1.49 -1.51 35.71
CA THR A 224 1.51 -2.78 35.00
C THR A 224 0.13 -3.42 35.10
N THR A 225 0.03 -4.65 34.60
CA THR A 225 -1.22 -5.38 34.68
C THR A 225 -0.92 -6.88 34.70
N THR A 226 -1.79 -7.66 35.33
CA THR A 226 -1.79 -9.08 35.05
C THR A 226 -2.42 -9.33 33.68
N LEU A 227 -2.00 -10.44 33.05
CA LEU A 227 -2.61 -10.81 31.78
C LEU A 227 -4.12 -10.95 31.92
N ASN A 228 -4.58 -11.57 33.02
CA ASN A 228 -6.02 -11.78 33.12
C ASN A 228 -6.78 -10.47 33.32
N ASP A 229 -6.25 -9.55 34.13
CA ASP A 229 -6.89 -8.24 34.28
C ASP A 229 -6.86 -7.46 32.96
N PHE A 230 -5.76 -7.59 32.22
CA PHE A 230 -5.73 -6.96 30.91
C PHE A 230 -6.86 -7.47 30.02
N ASN A 231 -6.99 -8.79 29.95
CA ASN A 231 -8.02 -9.38 29.09
C ASN A 231 -9.43 -9.08 29.58
N LEU A 232 -9.65 -9.02 30.90
CA LEU A 232 -10.98 -8.63 31.38
C LEU A 232 -11.33 -7.21 30.93
N VAL A 233 -10.34 -6.31 30.86
CA VAL A 233 -10.65 -4.95 30.44
C VAL A 233 -10.79 -4.88 28.93
N ALA A 234 -9.79 -5.39 28.23
CA ALA A 234 -9.75 -5.24 26.77
C ALA A 234 -10.99 -5.84 26.12
N MET A 235 -11.51 -6.94 26.68
CA MET A 235 -12.64 -7.62 26.06
C MET A 235 -13.92 -6.81 26.15
N LYS A 236 -14.01 -5.89 27.11
CA LYS A 236 -15.13 -4.96 27.15
C LYS A 236 -15.08 -3.94 26.02
N TYR A 237 -13.94 -3.84 25.31
CA TYR A 237 -13.81 -2.99 24.15
C TYR A 237 -13.79 -3.81 22.86
N ASN A 238 -14.29 -5.05 22.91
CA ASN A 238 -14.34 -5.94 21.76
C ASN A 238 -12.95 -6.18 21.18
N TYR A 239 -11.98 -6.32 22.05
CA TYR A 239 -10.64 -6.73 21.70
C TYR A 239 -10.50 -8.24 21.88
N GLU A 240 -9.74 -8.88 20.99
CA GLU A 240 -9.47 -10.30 21.16
C GLU A 240 -8.64 -10.54 22.42
N PRO A 241 -8.84 -11.66 23.10
CA PRO A 241 -7.97 -11.98 24.24
C PRO A 241 -6.52 -12.15 23.81
N LEU A 242 -5.62 -11.66 24.66
CA LEU A 242 -4.17 -11.81 24.46
C LEU A 242 -3.72 -13.12 25.10
N THR A 243 -3.07 -13.97 24.32
CA THR A 243 -2.58 -15.25 24.86
C THR A 243 -1.10 -15.13 25.19
N GLN A 244 -0.59 -16.14 25.91
CA GLN A 244 0.83 -16.14 26.22
C GLN A 244 1.68 -16.26 24.96
N ASP A 245 1.21 -17.00 23.95
CA ASP A 245 1.95 -17.06 22.70
C ASP A 245 2.10 -15.66 22.09
N HIS A 246 1.02 -14.88 22.08
CA HIS A 246 1.09 -13.47 21.70
C HIS A 246 2.16 -12.71 22.50
N VAL A 247 2.18 -12.89 23.83
CA VAL A 247 3.22 -12.25 24.63
C VAL A 247 4.60 -12.68 24.15
N ASP A 248 4.79 -13.98 23.88
CA ASP A 248 6.08 -14.46 23.38
C ASP A 248 6.43 -13.81 22.05
N ILE A 249 5.43 -13.70 21.15
CA ILE A 249 5.64 -13.10 19.84
C ILE A 249 6.12 -11.66 19.96
N LEU A 250 5.72 -10.96 21.03
CA LEU A 250 6.10 -9.56 21.21
C LEU A 250 7.43 -9.40 21.91
N GLY A 251 8.04 -10.50 22.36
CA GLY A 251 9.34 -10.46 23.02
C GLY A 251 10.38 -9.58 22.34
N PRO A 252 10.61 -9.80 21.05
CA PRO A 252 11.63 -8.99 20.36
C PRO A 252 11.38 -7.49 20.40
N LEU A 253 10.13 -7.05 20.23
CA LEU A 253 9.87 -5.62 20.32
C LEU A 253 9.99 -5.15 21.77
N SER A 254 9.54 -5.97 22.71
CA SER A 254 9.69 -5.66 24.11
C SER A 254 11.15 -5.46 24.46
N ALA A 255 12.01 -6.37 23.99
CA ALA A 255 13.42 -6.32 24.29
C ALA A 255 14.09 -5.13 23.64
N GLN A 256 13.68 -4.77 22.42
CA GLN A 256 14.31 -3.65 21.74
C GLN A 256 13.97 -2.32 22.39
N THR A 257 12.75 -2.18 22.94
CA THR A 257 12.31 -0.92 23.51
C THR A 257 12.53 -0.83 25.02
N GLY A 258 12.78 -1.95 25.69
CA GLY A 258 12.84 -1.94 27.13
C GLY A 258 11.50 -1.84 27.83
N ILE A 259 10.40 -2.06 27.11
CA ILE A 259 9.05 -2.01 27.69
C ILE A 259 8.53 -3.44 27.78
N ALA A 260 8.30 -3.90 29.01
CA ALA A 260 7.73 -5.23 29.19
C ALA A 260 6.34 -5.29 28.56
N VAL A 261 6.00 -6.47 28.02
CA VAL A 261 4.72 -6.60 27.30
C VAL A 261 3.55 -6.21 28.20
N LEU A 262 3.53 -6.71 29.45
CA LEU A 262 2.40 -6.34 30.31
C LEU A 262 2.42 -4.86 30.70
N ASP A 263 3.57 -4.19 30.62
CA ASP A 263 3.55 -2.75 30.82
C ASP A 263 2.96 -2.03 29.61
N MET A 264 3.27 -2.50 28.40
CA MET A 264 2.55 -1.93 27.27
C MET A 264 1.07 -2.27 27.29
N CYS A 265 0.70 -3.45 27.81
CA CYS A 265 -0.69 -3.75 28.06
C CYS A 265 -1.34 -2.71 28.96
N ALA A 266 -0.65 -2.27 30.02
CA ALA A 266 -1.22 -1.21 30.86
C ALA A 266 -1.42 0.08 30.07
N SER A 267 -0.47 0.44 29.21
CA SER A 267 -0.66 1.61 28.36
C SER A 267 -1.92 1.46 27.50
N LEU A 268 -2.11 0.28 26.91
CA LEU A 268 -3.28 0.07 26.06
C LEU A 268 -4.58 0.22 26.86
N LYS A 269 -4.61 -0.29 28.09
CA LYS A 269 -5.82 -0.14 28.90
C LYS A 269 -6.17 1.33 29.08
N GLU A 270 -5.14 2.16 29.32
CA GLU A 270 -5.38 3.60 29.48
C GLU A 270 -5.78 4.26 28.17
N LEU A 271 -5.11 3.94 27.06
CA LEU A 271 -5.52 4.53 25.77
C LEU A 271 -6.98 4.20 25.45
N LEU A 272 -7.45 2.99 25.77
CA LEU A 272 -8.85 2.66 25.51
C LEU A 272 -9.79 3.48 26.40
N GLN A 273 -9.39 3.66 27.66
CA GLN A 273 -10.17 4.47 28.58
C GLN A 273 -10.20 5.94 28.16
N ASN A 274 -9.08 6.47 27.64
CA ASN A 274 -8.99 7.91 27.43
C ASN A 274 -9.18 8.38 26.00
N GLY A 275 -8.98 7.52 25.00
CA GLY A 275 -8.80 8.02 23.65
C GLY A 275 -7.47 8.77 23.56
N MET A 276 -7.30 9.51 22.48
CA MET A 276 -6.02 10.16 22.27
C MET A 276 -6.02 11.65 22.63
N ASN A 277 -7.17 12.23 22.98
CA ASN A 277 -7.20 13.62 23.43
C ASN A 277 -6.52 14.54 22.43
N GLY A 278 -6.91 14.42 21.17
CA GLY A 278 -6.42 15.32 20.13
C GLY A 278 -5.05 14.99 19.59
N ARG A 279 -4.39 13.97 20.11
CA ARG A 279 -3.13 13.48 19.59
C ARG A 279 -3.36 12.41 18.53
N THR A 280 -2.30 12.07 17.81
CA THR A 280 -2.29 10.94 16.91
C THR A 280 -1.09 10.09 17.22
N ILE A 281 -1.17 8.80 16.86
CA ILE A 281 -0.05 7.88 16.97
C ILE A 281 0.27 7.35 15.57
N LEU A 282 1.53 7.44 15.18
CA LEU A 282 1.95 7.14 13.80
C LEU A 282 0.93 7.60 12.78
N GLY A 283 0.47 8.85 12.96
CA GLY A 283 -0.46 9.47 12.02
C GLY A 283 -1.89 8.97 12.07
N SER A 284 -2.30 8.28 13.13
CA SER A 284 -3.66 7.79 13.22
C SER A 284 -4.33 8.29 14.48
N ALA A 285 -5.63 8.55 14.39
CA ALA A 285 -6.41 8.87 15.58
C ALA A 285 -7.14 7.65 16.12
N LEU A 286 -6.91 6.47 15.54
CA LEU A 286 -7.43 5.19 16.03
C LEU A 286 -6.28 4.25 16.29
N LEU A 287 -6.53 3.26 17.15
CA LEU A 287 -5.54 2.24 17.43
C LEU A 287 -5.55 1.24 16.29
N GLU A 288 -4.43 1.14 15.57
CA GLU A 288 -4.33 0.39 14.32
C GLU A 288 -3.99 -1.06 14.62
N ASP A 289 -4.73 -2.02 14.03
CA ASP A 289 -4.49 -3.41 14.38
C ASP A 289 -4.16 -4.29 13.17
N GLU A 290 -3.76 -3.72 12.03
CA GLU A 290 -3.39 -4.53 10.88
C GLU A 290 -1.89 -4.48 10.61
N PHE A 291 -1.08 -4.39 11.68
CA PHE A 291 0.35 -4.63 11.62
C PHE A 291 0.70 -5.69 12.64
N THR A 292 1.28 -6.81 12.20
CA THR A 292 1.77 -7.84 13.12
C THR A 292 3.10 -7.43 13.74
N PRO A 293 3.55 -8.11 14.80
CA PRO A 293 4.93 -7.89 15.28
C PRO A 293 5.97 -8.02 14.17
N PHE A 294 5.79 -8.96 13.23
CA PHE A 294 6.78 -9.15 12.17
C PHE A 294 6.73 -8.01 11.16
N ASP A 295 5.53 -7.53 10.82
CA ASP A 295 5.40 -6.35 9.97
C ASP A 295 6.17 -5.18 10.56
N VAL A 296 6.02 -4.95 11.87
CA VAL A 296 6.71 -3.84 12.52
C VAL A 296 8.23 -3.98 12.33
N VAL A 297 8.79 -5.11 12.76
CA VAL A 297 10.25 -5.31 12.65
C VAL A 297 10.72 -5.13 11.21
N ARG A 298 9.94 -5.66 10.27
CA ARG A 298 10.31 -5.61 8.86
C ARG A 298 10.39 -4.17 8.35
N GLN A 299 9.39 -3.35 8.69
CA GLN A 299 9.38 -1.96 8.24
C GLN A 299 10.38 -1.09 9.02
N CYS A 300 10.51 -1.29 10.34
CA CYS A 300 11.43 -0.46 11.13
C CYS A 300 12.90 -0.89 10.99
N SER A 301 13.20 -2.04 10.40
CA SER A 301 14.58 -2.45 10.21
C SER A 301 15.06 -2.39 8.76
N GLY A 302 14.16 -2.46 7.79
CA GLY A 302 14.52 -2.41 6.39
C GLY A 302 14.69 -3.76 5.72
N VAL A 303 13.94 -4.77 6.15
CA VAL A 303 13.99 -6.08 5.52
C VAL A 303 13.63 -5.94 4.05
N THR A 304 14.39 -6.61 3.19
CA THR A 304 14.14 -6.53 1.76
C THR A 304 13.92 -7.92 1.18
N PHE A 305 13.47 -7.94 -0.06
CA PHE A 305 13.17 -9.17 -0.78
C PHE A 305 13.73 -9.12 -2.19
N SER B 1 -16.81 -2.92 -3.25
CA SER B 1 -16.81 -2.00 -2.11
C SER B 1 -15.49 -2.03 -1.38
N GLY B 2 -15.35 -1.12 -0.42
CA GLY B 2 -14.12 -0.95 0.31
C GLY B 2 -13.28 0.15 -0.28
N PHE B 3 -12.43 0.73 0.57
CA PHE B 3 -11.53 1.79 0.12
C PHE B 3 -10.24 1.71 0.93
N ARG B 4 -9.14 1.52 0.22
CA ARG B 4 -7.84 1.23 0.81
C ARG B 4 -6.83 2.22 0.26
N LYS B 5 -5.73 2.38 0.98
CA LYS B 5 -4.63 3.21 0.47
C LYS B 5 -3.87 2.32 -0.49
N MET B 6 -4.15 2.49 -1.77
CA MET B 6 -3.79 1.55 -2.81
C MET B 6 -2.56 2.08 -3.54
N ALA B 7 -1.53 1.27 -3.66
CA ALA B 7 -0.35 1.66 -4.44
C ALA B 7 -0.44 1.08 -5.83
N PHE B 8 0.34 1.64 -6.76
CA PHE B 8 0.45 1.06 -8.08
C PHE B 8 1.22 -0.26 -7.97
N PRO B 9 0.98 -1.21 -8.87
CA PRO B 9 1.83 -2.40 -8.90
C PRO B 9 3.25 -2.01 -9.24
N SER B 10 4.22 -2.70 -8.65
CA SER B 10 5.58 -2.20 -8.58
C SER B 10 6.56 -2.95 -9.46
N GLY B 11 6.13 -4.01 -10.15
CA GLY B 11 7.04 -4.83 -10.93
C GLY B 11 7.86 -4.03 -11.93
N LYS B 12 7.23 -3.08 -12.63
CA LYS B 12 7.94 -2.31 -13.64
C LYS B 12 9.07 -1.49 -13.03
N VAL B 13 8.84 -0.94 -11.84
CA VAL B 13 9.91 -0.24 -11.15
C VAL B 13 10.91 -1.23 -10.57
N GLU B 14 10.44 -2.38 -10.05
CA GLU B 14 11.35 -3.34 -9.41
C GLU B 14 12.50 -3.75 -10.32
N GLY B 15 12.24 -3.88 -11.62
CA GLY B 15 13.28 -4.23 -12.56
C GLY B 15 14.30 -3.14 -12.85
N CYS B 16 14.13 -1.94 -12.27
CA CYS B 16 15.06 -0.81 -12.48
C CYS B 16 15.94 -0.49 -11.29
N MET B 17 15.65 -1.05 -10.11
CA MET B 17 16.48 -0.83 -8.92
C MET B 17 17.84 -1.53 -8.95
N VAL B 18 18.88 -0.76 -8.65
CA VAL B 18 20.23 -1.27 -8.49
C VAL B 18 20.81 -0.66 -7.22
N GLN B 19 21.99 -1.12 -6.87
CA GLN B 19 22.75 -0.62 -5.74
C GLN B 19 23.95 0.16 -6.27
N VAL B 20 24.24 1.31 -5.67
CA VAL B 20 25.41 2.11 -6.04
C VAL B 20 26.26 2.29 -4.78
N THR B 21 27.54 1.95 -4.88
CA THR B 21 28.45 2.12 -3.75
C THR B 21 29.62 3.00 -4.18
N CYS B 22 29.95 3.97 -3.34
CA CYS B 22 31.11 4.83 -3.58
C CYS B 22 31.89 4.92 -2.27
N GLY B 23 33.09 4.36 -2.26
CA GLY B 23 33.81 4.18 -1.01
C GLY B 23 33.04 3.26 -0.10
N THR B 24 32.72 3.72 1.10
CA THR B 24 31.92 2.97 2.05
C THR B 24 30.47 3.45 2.09
N THR B 25 30.08 4.33 1.17
CA THR B 25 28.73 4.89 1.11
C THR B 25 27.90 4.15 0.06
N THR B 26 26.74 3.62 0.46
CA THR B 26 25.88 2.89 -0.45
C THR B 26 24.44 3.41 -0.42
N LEU B 27 23.80 3.46 -1.58
CA LEU B 27 22.38 3.75 -1.64
C LEU B 27 21.84 3.10 -2.92
N ASN B 28 20.60 3.41 -3.26
CA ASN B 28 19.94 2.81 -4.40
C ASN B 28 20.10 3.69 -5.63
N GLY B 29 20.10 3.06 -6.80
CA GLY B 29 20.02 3.76 -8.05
C GLY B 29 18.88 3.25 -8.90
N LEU B 30 18.52 4.07 -9.89
CA LEU B 30 17.45 3.80 -10.83
C LEU B 30 18.08 3.60 -12.21
N TRP B 31 17.98 2.40 -12.76
CA TRP B 31 18.67 2.01 -14.00
C TRP B 31 17.67 2.00 -15.15
N LEU B 32 17.79 2.98 -16.03
CA LEU B 32 16.91 3.09 -17.18
C LEU B 32 17.79 3.31 -18.41
N ASP B 33 17.50 2.61 -19.50
CA ASP B 33 18.35 2.66 -20.69
C ASP B 33 19.77 2.31 -20.23
N ASP B 34 20.79 3.08 -20.62
CA ASP B 34 22.16 2.78 -20.21
C ASP B 34 22.68 3.77 -19.16
N VAL B 35 21.77 4.30 -18.33
CA VAL B 35 22.10 5.29 -17.31
C VAL B 35 21.54 4.82 -15.97
N VAL B 36 22.29 5.04 -14.90
CA VAL B 36 21.81 4.85 -13.54
C VAL B 36 21.72 6.22 -12.87
N TYR B 37 20.55 6.54 -12.31
CA TYR B 37 20.32 7.79 -11.58
C TYR B 37 20.34 7.52 -10.09
N CYS B 38 21.02 8.37 -9.34
CA CYS B 38 21.08 8.22 -7.89
C CYS B 38 21.41 9.57 -7.26
N PRO B 39 21.12 9.74 -5.96
CA PRO B 39 21.43 11.00 -5.30
C PRO B 39 22.93 11.27 -5.33
N ARG B 40 23.29 12.54 -5.57
CA ARG B 40 24.71 12.89 -5.66
C ARG B 40 25.43 12.71 -4.33
N HIS B 41 24.70 12.70 -3.19
CA HIS B 41 25.42 12.52 -1.94
C HIS B 41 25.99 11.10 -1.76
N VAL B 42 25.81 10.18 -2.72
CA VAL B 42 26.57 8.94 -2.64
C VAL B 42 28.09 9.18 -2.69
N ILE B 43 28.55 10.35 -3.18
CA ILE B 43 29.99 10.59 -3.21
C ILE B 43 30.50 11.18 -1.90
N CYS B 44 29.63 11.36 -0.92
CA CYS B 44 30.07 11.79 0.40
C CYS B 44 30.59 10.61 1.20
N THR B 45 31.70 10.84 1.91
CA THR B 45 32.02 9.97 3.04
C THR B 45 31.20 10.40 4.24
N SER B 46 31.24 9.58 5.29
CA SER B 46 30.46 9.89 6.48
C SER B 46 30.78 11.27 7.02
N GLU B 47 32.03 11.71 6.89
CA GLU B 47 32.51 12.91 7.58
C GLU B 47 32.30 14.19 6.80
N ASP B 48 31.95 14.14 5.51
CA ASP B 48 31.74 15.33 4.69
CA ASP B 48 31.74 15.39 4.77
C ASP B 48 30.28 15.61 4.40
N MET B 49 29.33 15.02 5.13
CA MET B 49 27.94 15.29 4.81
C MET B 49 27.44 16.60 5.41
N LEU B 50 28.25 17.30 6.20
CA LEU B 50 27.80 18.56 6.79
C LEU B 50 27.77 19.68 5.76
N ASN B 51 28.89 19.88 5.06
CA ASN B 51 28.99 20.94 4.04
C ASN B 51 29.73 20.43 2.81
N PRO B 52 29.18 19.44 2.13
CA PRO B 52 29.91 18.85 1.00
C PRO B 52 30.04 19.83 -0.17
N ASN B 53 31.19 19.79 -0.83
CA ASN B 53 31.39 20.47 -2.12
C ASN B 53 31.27 19.41 -3.21
N TYR B 54 30.08 19.29 -3.79
CA TYR B 54 29.86 18.15 -4.69
C TYR B 54 30.71 18.24 -5.97
N GLU B 55 30.90 19.44 -6.50
CA GLU B 55 31.78 19.61 -7.65
C GLU B 55 33.15 19.02 -7.35
N ASP B 56 33.75 19.46 -6.25
CA ASP B 56 35.10 19.04 -5.91
C ASP B 56 35.13 17.56 -5.58
N LEU B 57 34.11 17.06 -4.89
CA LEU B 57 34.09 15.64 -4.55
C LEU B 57 33.99 14.79 -5.81
N LEU B 58 33.26 15.26 -6.83
CA LEU B 58 33.09 14.44 -8.03
C LEU B 58 34.30 14.50 -8.94
N ILE B 59 35.01 15.64 -8.96
CA ILE B 59 36.12 15.76 -9.91
C ILE B 59 37.23 14.77 -9.55
N ARG B 60 37.40 14.46 -8.26
CA ARG B 60 38.41 13.47 -7.86
C ARG B 60 37.92 12.04 -7.98
N LYS B 61 36.68 11.82 -8.38
CA LYS B 61 36.21 10.47 -8.67
C LYS B 61 36.41 10.15 -10.15
N SER B 62 36.65 8.88 -10.41
CA SER B 62 36.65 8.36 -11.77
C SER B 62 35.60 7.27 -11.86
N ASN B 63 35.40 6.77 -13.08
CA ASN B 63 34.38 5.75 -13.32
C ASN B 63 34.52 4.57 -12.36
N HIS B 64 35.75 4.05 -12.20
CA HIS B 64 35.91 2.85 -11.40
C HIS B 64 35.68 3.12 -9.92
N ASN B 65 35.50 4.37 -9.50
CA ASN B 65 35.15 4.61 -8.11
C ASN B 65 33.68 4.30 -7.83
N PHE B 66 32.89 3.99 -8.85
CA PHE B 66 31.47 3.67 -8.66
C PHE B 66 31.24 2.19 -8.89
N LEU B 67 30.77 1.51 -7.85
CA LEU B 67 30.41 0.11 -7.94
C LEU B 67 28.89 0.05 -8.06
N VAL B 68 28.41 -0.42 -9.21
CA VAL B 68 26.99 -0.50 -9.52
C VAL B 68 26.63 -1.97 -9.66
N GLN B 69 25.72 -2.47 -8.82
CA GLN B 69 25.35 -3.87 -8.87
C GLN B 69 23.87 -4.02 -9.19
N ALA B 70 23.58 -4.86 -10.18
CA ALA B 70 22.22 -5.24 -10.55
C ALA B 70 22.05 -6.71 -10.22
N GLY B 71 21.29 -7.00 -9.17
CA GLY B 71 21.26 -8.36 -8.64
C GLY B 71 22.66 -8.87 -8.40
N ASN B 72 23.00 -9.98 -9.06
CA ASN B 72 24.34 -10.56 -8.98
C ASN B 72 25.16 -10.25 -10.23
N VAL B 73 24.97 -9.06 -10.81
CA VAL B 73 25.74 -8.61 -11.95
C VAL B 73 26.29 -7.21 -11.64
N GLN B 74 27.60 -7.05 -11.74
CA GLN B 74 28.18 -5.72 -11.64
C GLN B 74 28.03 -5.01 -12.98
N LEU B 75 27.56 -3.75 -12.95
CA LEU B 75 27.47 -2.95 -14.16
C LEU B 75 28.73 -2.10 -14.32
N ARG B 76 29.27 -2.07 -15.53
CA ARG B 76 30.51 -1.33 -15.75
C ARG B 76 30.16 0.12 -16.06
N VAL B 77 30.73 1.04 -15.28
CA VAL B 77 30.47 2.47 -15.43
C VAL B 77 31.44 3.05 -16.44
N ILE B 78 30.92 3.71 -17.47
CA ILE B 78 31.76 4.27 -18.53
C ILE B 78 31.66 5.78 -18.61
N GLY B 79 30.87 6.41 -17.74
CA GLY B 79 30.76 7.85 -17.72
C GLY B 79 30.03 8.32 -16.48
N HIS B 80 30.33 9.52 -16.00
CA HIS B 80 29.60 10.05 -14.85
C HIS B 80 29.45 11.55 -15.00
N SER B 81 28.31 12.07 -14.55
CA SER B 81 28.11 13.52 -14.48
C SER B 81 27.03 13.79 -13.46
N MET B 82 26.89 15.06 -13.10
CA MET B 82 25.96 15.55 -12.10
C MET B 82 24.87 16.30 -12.86
N GLN B 83 23.61 16.04 -12.58
CA GLN B 83 22.56 16.92 -13.06
C GLN B 83 21.81 17.40 -11.83
N ASN B 84 22.06 18.64 -11.43
CA ASN B 84 21.49 19.18 -10.19
C ASN B 84 21.90 18.24 -9.08
N CYS B 85 20.97 17.67 -8.30
CA CYS B 85 21.35 16.86 -7.16
C CYS B 85 21.34 15.36 -7.46
N VAL B 86 21.36 14.99 -8.74
CA VAL B 86 21.42 13.59 -9.10
C VAL B 86 22.70 13.32 -9.90
N LEU B 87 23.30 12.18 -9.63
CA LEU B 87 24.40 11.66 -10.42
C LEU B 87 23.83 10.81 -11.54
N LYS B 88 24.37 10.97 -12.75
CA LYS B 88 24.02 10.13 -13.89
C LYS B 88 25.24 9.28 -14.21
N LEU B 89 25.16 7.98 -13.92
CA LEU B 89 26.24 7.05 -14.18
C LEU B 89 25.93 6.30 -15.47
N LYS B 90 26.68 6.59 -16.53
CA LYS B 90 26.50 5.88 -17.78
C LYS B 90 27.13 4.50 -17.65
N VAL B 91 26.39 3.47 -18.06
CA VAL B 91 26.88 2.10 -17.98
C VAL B 91 26.91 1.53 -19.38
N ASP B 92 27.54 0.38 -19.51
CA ASP B 92 27.81 -0.17 -20.83
C ASP B 92 26.73 -1.12 -21.34
N THR B 93 25.71 -1.40 -20.53
CA THR B 93 24.59 -2.20 -21.00
C THR B 93 23.28 -1.49 -20.68
N ALA B 94 22.39 -1.41 -21.67
CA ALA B 94 21.09 -0.82 -21.43
C ALA B 94 20.23 -1.81 -20.64
N ASN B 95 19.43 -1.28 -19.71
CA ASN B 95 18.58 -2.14 -18.91
C ASN B 95 17.52 -2.81 -19.79
N PRO B 96 17.56 -4.13 -19.96
CA PRO B 96 16.56 -4.77 -20.83
C PRO B 96 15.17 -4.72 -20.22
N LYS B 97 15.05 -4.50 -18.90
CA LYS B 97 13.76 -4.38 -18.27
C LYS B 97 13.24 -2.94 -18.25
N THR B 98 13.87 -2.02 -19.01
CA THR B 98 13.47 -0.62 -18.98
C THR B 98 12.01 -0.50 -19.43
N PRO B 99 11.12 0.05 -18.62
CA PRO B 99 9.73 0.21 -19.04
C PRO B 99 9.56 1.47 -19.87
N LYS B 100 8.39 1.59 -20.51
CA LYS B 100 8.02 2.89 -21.03
C LYS B 100 7.95 3.86 -19.86
N TYR B 101 8.65 4.98 -19.96
CA TYR B 101 8.67 5.89 -18.83
C TYR B 101 8.81 7.35 -19.25
N LYS B 102 8.42 8.24 -18.33
CA LYS B 102 8.68 9.66 -18.40
C LYS B 102 9.17 10.15 -17.03
N PHE B 103 9.96 11.21 -17.04
CA PHE B 103 10.28 11.97 -15.84
C PHE B 103 9.28 13.12 -15.76
N VAL B 104 8.58 13.24 -14.64
CA VAL B 104 7.62 14.32 -14.45
C VAL B 104 7.89 14.95 -13.09
N ARG B 105 7.63 16.26 -12.99
CA ARG B 105 7.66 16.96 -11.70
C ARG B 105 6.23 17.21 -11.25
N ILE B 106 5.87 16.78 -10.03
CA ILE B 106 4.50 16.89 -9.57
C ILE B 106 4.33 18.14 -8.73
N GLN B 107 3.09 18.45 -8.39
CA GLN B 107 2.73 19.59 -7.57
C GLN B 107 2.26 19.12 -6.20
N PRO B 108 2.32 20.00 -5.21
CA PRO B 108 1.78 19.65 -3.88
C PRO B 108 0.32 19.26 -3.94
N GLY B 109 -0.05 18.24 -3.17
CA GLY B 109 -1.36 17.67 -3.22
C GLY B 109 -1.49 16.44 -4.09
N GLN B 110 -0.57 16.26 -5.05
CA GLN B 110 -0.60 15.04 -5.84
C GLN B 110 0.00 13.88 -5.06
N THR B 111 -0.44 12.67 -5.39
CA THR B 111 0.03 11.43 -4.79
C THR B 111 0.87 10.60 -5.75
N PHE B 112 1.56 9.63 -5.18
CA PHE B 112 2.37 8.70 -5.96
C PHE B 112 2.64 7.47 -5.10
N SER B 113 3.14 6.43 -5.73
CA SER B 113 3.58 5.23 -5.04
C SER B 113 5.09 5.26 -4.82
N VAL B 114 5.53 4.80 -3.66
CA VAL B 114 6.94 4.71 -3.31
C VAL B 114 7.33 3.23 -3.22
N LEU B 115 8.39 2.84 -3.93
CA LEU B 115 8.99 1.53 -3.74
C LEU B 115 10.21 1.75 -2.85
N ALA B 116 10.06 1.53 -1.55
CA ALA B 116 11.20 1.73 -0.64
C ALA B 116 12.19 0.57 -0.80
N CYS B 117 13.46 0.92 -0.99
CA CYS B 117 14.52 -0.06 -1.25
C CYS B 117 15.73 0.16 -0.37
N TYR B 118 16.48 -0.92 -0.18
CA TYR B 118 17.77 -0.92 0.51
C TYR B 118 18.73 -1.85 -0.22
N ASN B 119 19.93 -1.36 -0.50
CA ASN B 119 20.93 -2.11 -1.24
C ASN B 119 20.39 -2.56 -2.59
N GLY B 120 19.59 -1.71 -3.22
CA GLY B 120 19.04 -2.01 -4.52
C GLY B 120 17.91 -3.02 -4.52
N SER B 121 17.36 -3.38 -3.35
CA SER B 121 16.30 -4.35 -3.30
C SER B 121 15.07 -3.79 -2.57
N PRO B 122 13.86 -4.10 -3.04
CA PRO B 122 12.65 -3.54 -2.42
C PRO B 122 12.39 -4.05 -1.01
N SER B 123 12.07 -3.12 -0.12
CA SER B 123 11.49 -3.47 1.16
C SER B 123 9.95 -3.45 1.13
N GLY B 124 9.33 -2.66 0.27
CA GLY B 124 7.88 -2.62 0.19
C GLY B 124 7.43 -1.43 -0.62
N VAL B 125 6.10 -1.30 -0.74
CA VAL B 125 5.50 -0.25 -1.56
C VAL B 125 4.36 0.39 -0.77
N TYR B 126 4.30 1.73 -0.79
CA TYR B 126 3.20 2.44 -0.15
C TYR B 126 2.88 3.71 -0.94
N GLN B 127 1.77 4.32 -0.58
CA GLN B 127 1.25 5.50 -1.25
C GLN B 127 1.51 6.74 -0.40
N CYS B 128 1.99 7.81 -1.03
CA CYS B 128 2.35 9.09 -0.43
C CYS B 128 1.63 10.23 -1.14
N ALA B 129 1.47 11.37 -0.46
CA ALA B 129 1.19 12.64 -1.09
C ALA B 129 2.32 13.64 -0.87
N MET B 130 2.63 14.42 -1.91
CA MET B 130 3.43 15.65 -1.81
C MET B 130 2.69 16.64 -0.90
N ARG B 131 3.20 16.90 0.32
CA ARG B 131 2.52 17.83 1.20
C ARG B 131 2.58 19.23 0.63
N PRO B 132 1.65 20.10 1.03
CA PRO B 132 1.77 21.52 0.64
C PRO B 132 3.07 22.18 1.09
N ASN B 133 3.75 21.68 2.12
CA ASN B 133 5.04 22.24 2.51
C ASN B 133 6.22 21.56 1.81
N PHE B 134 5.95 20.80 0.74
CA PHE B 134 6.87 20.08 -0.13
C PHE B 134 7.64 18.97 0.57
N THR B 135 7.22 18.54 1.75
CA THR B 135 7.79 17.33 2.29
C THR B 135 6.92 16.13 1.93
N ILE B 136 7.46 14.95 2.18
CA ILE B 136 6.76 13.67 2.03
C ILE B 136 6.73 13.00 3.39
N LYS B 137 5.56 12.49 3.80
CA LYS B 137 5.49 11.71 5.03
C LYS B 137 5.78 10.25 4.67
N GLY B 138 7.06 9.94 4.53
CA GLY B 138 7.46 8.63 4.06
C GLY B 138 7.72 7.67 5.21
N SER B 139 8.17 6.47 4.84
CA SER B 139 8.74 5.50 5.79
C SER B 139 10.10 5.12 5.24
N PHE B 140 11.17 5.74 5.76
CA PHE B 140 12.49 5.62 5.17
C PHE B 140 13.54 5.47 6.26
N LEU B 141 14.55 4.63 6.03
CA LEU B 141 15.67 4.41 6.95
C LEU B 141 16.98 4.74 6.25
N ASN B 142 18.06 4.79 7.04
CA ASN B 142 19.38 4.91 6.44
C ASN B 142 19.55 3.88 5.35
N GLY B 143 20.04 4.32 4.18
CA GLY B 143 20.20 3.45 3.03
C GLY B 143 19.08 3.53 2.02
N SER B 144 18.00 4.25 2.32
CA SER B 144 16.84 4.29 1.44
C SER B 144 16.95 5.35 0.35
N ALA B 145 17.91 6.27 0.42
CA ALA B 145 18.02 7.29 -0.61
C ALA B 145 18.16 6.61 -1.98
N GLY B 146 17.60 7.24 -3.00
CA GLY B 146 17.59 6.65 -4.32
C GLY B 146 16.36 5.82 -4.61
N SER B 147 15.58 5.43 -3.60
CA SER B 147 14.22 4.94 -3.82
C SER B 147 13.40 5.99 -4.57
N VAL B 148 12.44 5.55 -5.36
CA VAL B 148 11.71 6.48 -6.21
C VAL B 148 10.20 6.43 -5.96
N GLY B 149 9.54 7.55 -6.27
CA GLY B 149 8.10 7.64 -6.29
C GLY B 149 7.64 7.72 -7.75
N PHE B 150 6.44 7.19 -8.03
CA PHE B 150 5.99 7.06 -9.40
C PHE B 150 4.46 6.93 -9.45
N ASN B 151 3.93 7.12 -10.66
CA ASN B 151 2.53 6.87 -10.98
C ASN B 151 2.57 6.03 -12.26
N ILE B 152 1.53 5.24 -12.53
CA ILE B 152 1.44 4.50 -13.79
C ILE B 152 0.24 5.04 -14.55
N ASP B 153 0.36 5.10 -15.89
CA ASP B 153 -0.77 5.44 -16.75
C ASP B 153 -0.68 4.49 -17.94
N TYR B 154 -1.67 3.60 -18.07
CA TYR B 154 -1.66 2.52 -19.05
C TYR B 154 -0.44 1.64 -18.87
N ASP B 155 0.58 1.80 -19.73
CA ASP B 155 1.84 1.11 -19.58
C ASP B 155 3.03 2.03 -19.29
N CYS B 156 2.80 3.33 -19.07
CA CYS B 156 3.89 4.28 -18.89
C CYS B 156 4.11 4.62 -17.41
N VAL B 157 5.35 4.44 -16.93
CA VAL B 157 5.71 4.81 -15.57
C VAL B 157 6.18 6.25 -15.59
N SER B 158 5.49 7.11 -14.85
CA SER B 158 5.94 8.48 -14.68
C SER B 158 6.70 8.55 -13.38
N PHE B 159 8.03 8.70 -13.47
CA PHE B 159 8.85 8.88 -12.28
C PHE B 159 8.78 10.33 -11.83
N CYS B 160 8.42 10.55 -10.55
CA CYS B 160 8.25 11.90 -10.02
C CYS B 160 9.08 12.23 -8.80
N TYR B 161 9.68 11.27 -8.11
CA TYR B 161 10.33 11.54 -6.84
C TYR B 161 11.52 10.61 -6.71
N MET B 162 12.64 11.15 -6.27
CA MET B 162 13.73 10.29 -5.81
C MET B 162 14.12 10.73 -4.43
N HIS B 163 14.23 9.76 -3.53
CA HIS B 163 14.38 10.08 -2.11
C HIS B 163 15.79 10.51 -1.78
N HIS B 164 15.94 11.54 -0.93
CA HIS B 164 17.28 11.95 -0.50
C HIS B 164 17.52 11.92 0.99
N MET B 165 16.61 12.40 1.82
CA MET B 165 17.02 12.76 3.17
C MET B 165 15.82 12.84 4.08
N GLU B 166 16.10 12.80 5.38
CA GLU B 166 15.05 12.88 6.40
C GLU B 166 15.26 14.16 7.21
N LEU B 167 14.17 14.92 7.41
CA LEU B 167 14.19 16.16 8.18
C LEU B 167 14.02 15.87 9.66
N PRO B 168 14.39 16.80 10.56
CA PRO B 168 14.35 16.49 12.00
C PRO B 168 12.98 16.06 12.52
N THR B 169 11.87 16.52 11.96
CA THR B 169 10.58 16.03 12.40
C THR B 169 10.28 14.63 11.88
N GLY B 170 11.21 14.00 11.18
CA GLY B 170 10.96 12.67 10.68
C GLY B 170 10.21 12.60 9.36
N VAL B 171 9.97 13.74 8.71
CA VAL B 171 9.36 13.72 7.39
C VAL B 171 10.52 13.76 6.38
N HIS B 172 10.22 13.71 5.10
CA HIS B 172 11.25 13.40 4.11
C HIS B 172 11.29 14.41 2.99
N ALA B 173 12.48 14.53 2.40
CA ALA B 173 12.71 15.49 1.33
C ALA B 173 13.49 14.81 0.22
N GLY B 174 13.19 15.20 -1.01
CA GLY B 174 13.84 14.63 -2.17
C GLY B 174 13.63 15.52 -3.38
N THR B 175 13.92 14.95 -4.56
CA THR B 175 13.96 15.69 -5.82
C THR B 175 13.07 15.03 -6.87
N ASP B 176 12.87 15.74 -8.00
CA ASP B 176 12.41 15.05 -9.20
C ASP B 176 13.58 14.26 -9.79
N LEU B 177 13.36 13.62 -10.94
CA LEU B 177 14.41 12.78 -11.51
C LEU B 177 15.45 13.61 -12.29
N GLU B 178 15.23 14.91 -12.43
CA GLU B 178 16.25 15.81 -12.95
C GLU B 178 17.08 16.44 -11.83
N GLY B 179 16.91 15.95 -10.59
CA GLY B 179 17.71 16.42 -9.46
C GLY B 179 17.26 17.74 -8.87
N ASN B 180 16.06 18.23 -9.21
CA ASN B 180 15.57 19.46 -8.60
C ASN B 180 14.79 19.17 -7.33
N PHE B 181 15.19 19.83 -6.24
CA PHE B 181 14.51 19.55 -4.97
C PHE B 181 13.06 20.00 -5.02
N TYR B 182 12.20 19.25 -4.36
CA TYR B 182 10.89 19.75 -3.98
C TYR B 182 11.05 20.47 -2.65
N GLY B 183 10.57 21.71 -2.55
CA GLY B 183 10.75 22.50 -1.34
C GLY B 183 12.11 23.13 -1.15
N PRO B 184 12.21 24.06 -0.17
CA PRO B 184 13.41 24.87 0.02
C PRO B 184 14.48 24.15 0.85
N PHE B 185 14.81 22.94 0.45
CA PHE B 185 15.76 22.09 1.13
C PHE B 185 17.00 21.86 0.28
N VAL B 186 18.11 21.49 0.96
CA VAL B 186 19.37 21.20 0.29
C VAL B 186 19.95 19.88 0.81
N ASP B 187 20.74 19.21 -0.04
CA ASP B 187 21.28 17.89 0.30
C ASP B 187 22.55 18.03 1.13
N ARG B 188 22.34 18.43 2.39
CA ARG B 188 23.41 18.47 3.36
C ARG B 188 22.78 18.52 4.75
N GLN B 189 23.61 18.24 5.76
CA GLN B 189 23.09 18.04 7.10
C GLN B 189 23.33 19.26 8.00
N THR B 190 23.31 20.46 7.43
CA THR B 190 23.18 21.67 8.23
C THR B 190 21.73 21.80 8.69
N ALA B 191 21.48 22.67 9.68
CA ALA B 191 20.14 22.80 10.25
C ALA B 191 19.09 23.17 9.18
N GLN B 192 18.03 22.36 9.10
CA GLN B 192 16.92 22.60 8.19
C GLN B 192 15.65 22.12 8.88
N ALA B 193 14.52 22.72 8.50
CA ALA B 193 13.24 22.41 9.11
C ALA B 193 12.11 22.55 8.11
N ALA B 194 11.19 21.59 8.14
CA ALA B 194 9.94 21.70 7.40
C ALA B 194 9.09 22.86 7.92
N GLY B 195 8.46 23.58 7.00
CA GLY B 195 7.59 24.68 7.36
C GLY B 195 6.22 24.18 7.75
N THR B 196 5.37 25.11 8.19
CA THR B 196 4.04 24.72 8.63
C THR B 196 3.26 24.09 7.47
N ASP B 197 2.60 22.99 7.77
CA ASP B 197 1.87 22.27 6.76
C ASP B 197 0.40 22.65 6.82
N THR B 198 -0.33 22.31 5.76
CA THR B 198 -1.75 22.54 5.65
C THR B 198 -2.39 21.29 5.04
N THR B 199 -3.70 21.17 5.22
CA THR B 199 -4.45 20.01 4.74
C THR B 199 -4.91 20.23 3.30
N ILE B 200 -4.88 19.16 2.51
CA ILE B 200 -5.17 19.25 1.08
C ILE B 200 -6.68 19.12 0.90
N THR B 201 -7.35 20.27 0.79
CA THR B 201 -8.80 20.32 0.86
C THR B 201 -9.48 19.50 -0.23
N VAL B 202 -9.05 19.67 -1.49
CA VAL B 202 -9.70 18.96 -2.57
C VAL B 202 -9.62 17.45 -2.36
N ASN B 203 -8.55 16.97 -1.72
CA ASN B 203 -8.38 15.54 -1.50
C ASN B 203 -9.32 15.03 -0.40
N VAL B 204 -9.54 15.82 0.65
CA VAL B 204 -10.52 15.41 1.67
C VAL B 204 -11.89 15.24 1.03
N LEU B 205 -12.31 16.23 0.24
CA LEU B 205 -13.55 16.15 -0.51
C LEU B 205 -13.59 14.88 -1.35
N ALA B 206 -12.52 14.60 -2.10
CA ALA B 206 -12.49 13.37 -2.87
C ALA B 206 -12.72 12.17 -1.97
N TRP B 207 -12.15 12.23 -0.76
CA TRP B 207 -12.26 11.13 0.19
C TRP B 207 -13.70 10.96 0.71
N LEU B 208 -14.37 12.07 1.04
CA LEU B 208 -15.77 12.01 1.43
C LEU B 208 -16.64 11.45 0.32
N TYR B 209 -16.34 11.82 -0.93
CA TYR B 209 -17.00 11.19 -2.06
C TYR B 209 -16.80 9.68 -2.06
N ALA B 210 -15.55 9.23 -1.85
CA ALA B 210 -15.28 7.81 -1.72
C ALA B 210 -16.13 7.19 -0.60
N ALA B 211 -16.29 7.90 0.51
CA ALA B 211 -17.11 7.38 1.60
C ALA B 211 -18.56 7.18 1.15
N VAL B 212 -19.14 8.19 0.48
CA VAL B 212 -20.50 8.09 -0.02
C VAL B 212 -20.62 6.94 -1.02
N ILE B 213 -19.64 6.82 -1.93
CA ILE B 213 -19.58 5.70 -2.86
C ILE B 213 -19.61 4.38 -2.10
N ASN B 214 -19.12 4.36 -0.87
CA ASN B 214 -19.11 3.15 -0.04
C ASN B 214 -20.22 3.13 1.02
N GLY B 215 -21.21 4.01 0.88
CA GLY B 215 -22.36 3.98 1.75
C GLY B 215 -22.21 4.69 3.08
N ASP B 216 -21.05 5.28 3.37
CA ASP B 216 -20.88 6.09 4.57
C ASP B 216 -21.51 7.44 4.29
N ARG B 217 -22.83 7.56 4.52
CA ARG B 217 -23.58 8.74 4.12
C ARG B 217 -24.05 9.60 5.29
N TRP B 218 -23.55 9.37 6.50
CA TRP B 218 -24.13 10.04 7.66
C TRP B 218 -23.78 11.53 7.70
N PHE B 219 -22.61 11.91 7.19
CA PHE B 219 -22.23 13.33 7.23
C PHE B 219 -22.96 14.16 6.18
N LEU B 220 -23.63 13.55 5.20
CA LEU B 220 -24.45 14.29 4.28
C LEU B 220 -25.58 15.00 5.02
N ASN B 221 -25.93 16.20 4.55
CA ASN B 221 -26.88 17.05 5.25
C ASN B 221 -27.76 17.80 4.24
N ARG B 222 -28.89 18.31 4.72
CA ARG B 222 -29.81 19.06 3.87
C ARG B 222 -29.37 20.51 3.65
N PHE B 223 -28.15 20.85 4.01
CA PHE B 223 -27.66 22.22 3.92
C PHE B 223 -26.94 22.42 2.60
N THR B 224 -26.60 23.67 2.31
CA THR B 224 -25.75 23.99 1.16
C THR B 224 -24.88 25.19 1.56
N THR B 225 -23.89 25.50 0.71
CA THR B 225 -23.09 26.71 0.89
C THR B 225 -22.47 27.10 -0.44
N THR B 226 -21.66 28.17 -0.40
CA THR B 226 -20.95 28.69 -1.56
C THR B 226 -19.47 28.40 -1.42
N LEU B 227 -18.77 28.52 -2.56
CA LEU B 227 -17.33 28.39 -2.54
C LEU B 227 -16.71 29.45 -1.63
N ASN B 228 -17.23 30.66 -1.67
CA ASN B 228 -16.66 31.72 -0.86
C ASN B 228 -16.88 31.44 0.62
N ASP B 229 -18.10 31.05 0.99
CA ASP B 229 -18.40 30.85 2.40
C ASP B 229 -17.64 29.66 2.96
N PHE B 230 -17.50 28.59 2.16
CA PHE B 230 -16.71 27.44 2.58
C PHE B 230 -15.29 27.86 2.94
N ASN B 231 -14.63 28.61 2.04
CA ASN B 231 -13.21 28.92 2.21
C ASN B 231 -12.93 29.79 3.42
N LEU B 232 -13.91 30.60 3.84
CA LEU B 232 -13.74 31.30 5.11
C LEU B 232 -13.59 30.29 6.25
N VAL B 233 -14.38 29.22 6.22
CA VAL B 233 -14.32 28.22 7.30
C VAL B 233 -13.01 27.43 7.20
N ALA B 234 -12.71 26.89 6.00
CA ALA B 234 -11.55 26.04 5.82
C ALA B 234 -10.26 26.75 6.24
N MET B 235 -10.13 28.03 5.91
CA MET B 235 -8.93 28.78 6.24
C MET B 235 -8.72 28.79 7.75
N LYS B 236 -9.80 28.82 8.53
CA LYS B 236 -9.68 28.80 9.99
C LYS B 236 -9.08 27.49 10.49
N TYR B 237 -9.39 26.37 9.84
CA TYR B 237 -8.92 25.06 10.24
C TYR B 237 -7.64 24.62 9.52
N ASN B 238 -6.92 25.56 8.91
CA ASN B 238 -5.65 25.28 8.25
C ASN B 238 -5.81 24.37 7.04
N TYR B 239 -6.87 24.57 6.28
CA TYR B 239 -7.07 23.87 5.03
C TYR B 239 -6.65 24.79 3.89
N GLU B 240 -6.12 24.20 2.82
CA GLU B 240 -5.85 24.97 1.61
C GLU B 240 -7.15 25.53 1.05
N PRO B 241 -7.09 26.68 0.39
CA PRO B 241 -8.29 27.22 -0.25
C PRO B 241 -8.74 26.32 -1.37
N LEU B 242 -10.05 26.16 -1.48
CA LEU B 242 -10.64 25.39 -2.56
C LEU B 242 -10.87 26.32 -3.75
N THR B 243 -10.25 26.02 -4.88
CA THR B 243 -10.40 26.84 -6.07
C THR B 243 -11.42 26.25 -7.02
N GLN B 244 -11.91 27.10 -7.93
CA GLN B 244 -12.83 26.62 -8.96
C GLN B 244 -12.26 25.45 -9.73
N ASP B 245 -10.96 25.50 -10.05
CA ASP B 245 -10.32 24.34 -10.67
C ASP B 245 -10.53 23.09 -9.84
N HIS B 246 -10.36 23.19 -8.51
CA HIS B 246 -10.58 22.04 -7.64
C HIS B 246 -12.00 21.51 -7.80
N VAL B 247 -12.97 22.42 -7.95
CA VAL B 247 -14.36 22.01 -8.15
C VAL B 247 -14.50 21.23 -9.46
N ASP B 248 -13.93 21.76 -10.54
CA ASP B 248 -14.04 21.07 -11.82
C ASP B 248 -13.49 19.64 -11.71
N ILE B 249 -12.34 19.47 -11.05
CA ILE B 249 -11.71 18.16 -10.97
C ILE B 249 -12.56 17.21 -10.14
N LEU B 250 -13.36 17.74 -9.23
CA LEU B 250 -14.29 16.94 -8.45
C LEU B 250 -15.58 16.64 -9.20
N GLY B 251 -15.60 16.83 -10.52
CA GLY B 251 -16.82 16.71 -11.30
C GLY B 251 -17.26 15.28 -11.52
N PRO B 252 -16.39 14.44 -12.09
CA PRO B 252 -16.76 13.03 -12.29
C PRO B 252 -17.24 12.33 -11.03
N LEU B 253 -16.71 12.70 -9.85
CA LEU B 253 -17.19 12.13 -8.59
C LEU B 253 -18.56 12.65 -8.23
N SER B 254 -18.79 13.96 -8.37
CA SER B 254 -20.12 14.52 -8.10
C SER B 254 -21.15 14.00 -9.09
N ALA B 255 -20.75 13.77 -10.35
CA ALA B 255 -21.67 13.21 -11.33
C ALA B 255 -22.01 11.75 -11.00
N GLN B 256 -21.02 10.98 -10.56
CA GLN B 256 -21.24 9.57 -10.29
C GLN B 256 -22.11 9.35 -9.05
N THR B 257 -22.05 10.28 -8.10
CA THR B 257 -22.76 10.11 -6.82
C THR B 257 -24.11 10.81 -6.77
N GLY B 258 -24.35 11.81 -7.62
CA GLY B 258 -25.55 12.62 -7.47
C GLY B 258 -25.46 13.65 -6.37
N ILE B 259 -24.27 13.96 -5.87
CA ILE B 259 -24.07 15.01 -4.89
C ILE B 259 -23.23 16.10 -5.53
N ALA B 260 -23.75 17.33 -5.55
CA ALA B 260 -22.99 18.46 -6.02
C ALA B 260 -21.83 18.74 -5.07
N VAL B 261 -20.73 19.26 -5.66
CA VAL B 261 -19.50 19.51 -4.92
C VAL B 261 -19.75 20.45 -3.74
N LEU B 262 -20.51 21.52 -3.97
CA LEU B 262 -20.75 22.48 -2.89
C LEU B 262 -21.66 21.91 -1.81
N ASP B 263 -22.49 20.93 -2.17
CA ASP B 263 -23.19 20.16 -1.16
C ASP B 263 -22.21 19.37 -0.33
N MET B 264 -21.28 18.69 -1.00
CA MET B 264 -20.19 18.02 -0.28
C MET B 264 -19.37 19.01 0.53
N CYS B 265 -19.12 20.20 -0.03
CA CYS B 265 -18.42 21.24 0.73
C CYS B 265 -19.20 21.62 1.99
N ALA B 266 -20.53 21.65 1.89
CA ALA B 266 -21.36 21.93 3.07
C ALA B 266 -21.15 20.88 4.15
N SER B 267 -21.14 19.61 3.76
CA SER B 267 -20.91 18.56 4.74
C SER B 267 -19.52 18.68 5.36
N LEU B 268 -18.49 18.97 4.54
CA LEU B 268 -17.15 19.16 5.09
C LEU B 268 -17.10 20.29 6.09
N LYS B 269 -17.80 21.40 5.80
CA LYS B 269 -17.87 22.52 6.75
C LYS B 269 -18.40 22.06 8.10
N GLU B 270 -19.54 21.36 8.09
CA GLU B 270 -20.10 20.88 9.36
C GLU B 270 -19.14 19.94 10.07
N LEU B 271 -18.38 19.13 9.32
CA LEU B 271 -17.43 18.21 9.93
C LEU B 271 -16.31 18.97 10.64
N LEU B 272 -15.85 20.09 10.05
CA LEU B 272 -14.76 20.84 10.67
C LEU B 272 -15.21 21.54 11.96
N GLN B 273 -16.40 22.14 11.95
CA GLN B 273 -16.78 22.92 13.13
C GLN B 273 -17.26 22.03 14.27
N ASN B 274 -18.03 20.99 13.97
CA ASN B 274 -18.59 20.15 15.03
C ASN B 274 -17.84 18.84 15.24
N GLY B 275 -16.99 18.44 14.30
CA GLY B 275 -16.28 17.18 14.45
C GLY B 275 -17.15 16.00 14.02
N MET B 276 -16.54 14.81 14.09
CA MET B 276 -17.21 13.62 13.59
C MET B 276 -18.16 12.99 14.59
N ASN B 277 -18.24 13.52 15.82
CA ASN B 277 -19.22 13.08 16.81
C ASN B 277 -18.98 11.62 17.21
N GLY B 278 -17.71 11.24 17.38
CA GLY B 278 -17.37 9.90 17.78
C GLY B 278 -17.54 8.84 16.72
N ARG B 279 -17.95 9.22 15.51
CA ARG B 279 -18.10 8.30 14.40
C ARG B 279 -16.82 8.23 13.58
N THR B 280 -16.80 7.32 12.62
CA THR B 280 -15.68 7.22 11.69
C THR B 280 -16.18 7.24 10.25
N ILE B 281 -15.27 7.57 9.35
CA ILE B 281 -15.51 7.56 7.91
C ILE B 281 -14.45 6.67 7.28
N LEU B 282 -14.88 5.65 6.53
CA LEU B 282 -13.97 4.74 5.82
C LEU B 282 -12.83 4.24 6.72
N GLY B 283 -13.19 3.92 7.96
CA GLY B 283 -12.24 3.35 8.90
C GLY B 283 -11.25 4.34 9.47
N SER B 284 -11.57 5.63 9.47
CA SER B 284 -10.64 6.62 9.99
C SER B 284 -11.38 7.58 10.92
N ALA B 285 -10.70 7.98 11.99
CA ALA B 285 -11.20 9.06 12.85
C ALA B 285 -10.55 10.40 12.53
N LEU B 286 -9.85 10.50 11.40
CA LEU B 286 -9.31 11.73 10.85
C LEU B 286 -9.89 11.94 9.46
N LEU B 287 -9.79 13.16 8.97
CA LEU B 287 -10.21 13.47 7.61
C LEU B 287 -9.00 13.25 6.71
N GLU B 288 -9.07 12.23 5.85
CA GLU B 288 -7.92 11.83 5.05
C GLU B 288 -7.72 12.75 3.88
N ASP B 289 -6.48 13.20 3.66
CA ASP B 289 -6.20 14.12 2.56
C ASP B 289 -5.15 13.60 1.59
N GLU B 290 -4.82 12.31 1.61
CA GLU B 290 -3.82 11.77 0.69
C GLU B 290 -4.43 10.87 -0.38
N PHE B 291 -5.69 11.14 -0.78
CA PHE B 291 -6.30 10.56 -1.97
C PHE B 291 -6.74 11.68 -2.89
N THR B 292 -6.22 11.72 -4.13
CA THR B 292 -6.73 12.70 -5.09
C THR B 292 -8.10 12.26 -5.63
N PRO B 293 -8.83 13.18 -6.27
CA PRO B 293 -10.04 12.75 -7.01
C PRO B 293 -9.77 11.63 -7.97
N PHE B 294 -8.64 11.69 -8.67
CA PHE B 294 -8.35 10.61 -9.61
C PHE B 294 -8.03 9.31 -8.88
N ASP B 295 -7.41 9.38 -7.71
CA ASP B 295 -7.14 8.16 -6.94
C ASP B 295 -8.45 7.46 -6.59
N VAL B 296 -9.46 8.24 -6.20
CA VAL B 296 -10.79 7.69 -5.89
C VAL B 296 -11.40 7.03 -7.12
N VAL B 297 -11.41 7.75 -8.24
CA VAL B 297 -12.00 7.24 -9.47
C VAL B 297 -11.27 6.00 -9.93
N ARG B 298 -9.94 6.07 -9.93
CA ARG B 298 -9.12 4.92 -10.32
C ARG B 298 -9.47 3.70 -9.47
N GLN B 299 -9.59 3.89 -8.15
CA GLN B 299 -9.88 2.76 -7.28
C GLN B 299 -11.33 2.28 -7.40
N CYS B 300 -12.29 3.19 -7.42
CA CYS B 300 -13.68 2.75 -7.40
C CYS B 300 -14.18 2.29 -8.77
N SER B 301 -13.48 2.63 -9.85
CA SER B 301 -13.82 2.14 -11.19
CA SER B 301 -13.82 2.14 -11.19
C SER B 301 -12.91 1.00 -11.65
N GLY B 302 -11.94 0.59 -10.83
CA GLY B 302 -11.08 -0.53 -11.15
C GLY B 302 -10.25 -0.37 -12.41
N VAL B 303 -9.60 0.79 -12.54
CA VAL B 303 -8.68 1.04 -13.65
C VAL B 303 -7.47 0.13 -13.52
N THR B 304 -7.04 -0.47 -14.63
CA THR B 304 -5.92 -1.40 -14.59
C THR B 304 -4.77 -0.94 -15.48
N PHE B 305 -3.67 -1.68 -15.37
CA PHE B 305 -2.39 -1.40 -16.07
C PHE B 305 -1.73 -2.72 -16.47
N PHE C 1 -29.12 -6.19 2.12
CA PHE C 1 -28.44 -6.58 0.89
C PHE C 1 -28.13 -8.08 0.91
N TYR C 2 -27.63 -8.59 -0.21
CA TYR C 2 -27.19 -9.97 -0.32
C TYR C 2 -25.71 -10.01 -0.73
N PRO C 3 -25.01 -11.12 -0.43
CA PRO C 3 -23.63 -11.28 -0.92
C PRO C 3 -23.55 -11.29 -2.44
N LYS C 4 -22.37 -10.92 -2.95
CA LYS C 4 -22.15 -10.83 -4.38
C LYS C 4 -20.87 -11.58 -4.74
N LEU C 5 -21.00 -12.57 -5.61
CA LEU C 5 -19.86 -13.25 -6.20
C LEU C 5 -19.23 -12.34 -7.25
N GLN C 6 -17.96 -11.98 -7.08
CA GLN C 6 -17.41 -10.82 -7.79
C GLN C 6 -16.65 -11.19 -9.05
N SER C 7 -17.26 -12.05 -9.87
CA SER C 7 -16.93 -12.07 -11.30
C SER C 7 -17.53 -10.84 -12.00
N SER C 8 -17.30 -10.74 -13.33
CA SER C 8 -17.91 -9.71 -14.15
C SER C 8 -18.58 -10.35 -15.35
N GLN C 9 -19.60 -9.66 -15.86
CA GLN C 9 -20.37 -10.13 -17.01
C GLN C 9 -19.85 -9.52 -18.31
N PHE D 1 17.97 17.91 16.79
CA PHE D 1 18.40 16.96 15.77
C PHE D 1 18.57 17.64 14.41
N TYR D 2 19.44 17.08 13.56
CA TYR D 2 19.82 17.62 12.25
C TYR D 2 19.27 16.75 11.12
N PRO D 3 19.22 17.26 9.88
CA PRO D 3 18.81 16.41 8.76
C PRO D 3 19.82 15.30 8.54
N LYS D 4 19.35 14.19 7.98
CA LYS D 4 20.18 13.04 7.67
C LYS D 4 20.03 12.69 6.19
N LEU D 5 21.14 12.68 5.46
CA LEU D 5 21.14 12.07 4.13
C LEU D 5 21.11 10.56 4.31
N GLN D 6 20.15 9.90 3.67
CA GLN D 6 19.84 8.52 4.03
C GLN D 6 20.47 7.49 3.09
N SER D 7 21.77 7.65 2.87
CA SER D 7 22.63 6.55 2.47
C SER D 7 22.90 5.63 3.69
N SER D 8 23.61 4.52 3.43
CA SER D 8 24.11 3.60 4.43
C SER D 8 25.63 3.47 4.36
N GLN D 9 26.22 2.94 5.43
CA GLN D 9 27.64 2.64 5.48
C GLN D 9 27.85 1.12 5.56
#